data_3EIJ
#
_entry.id   3EIJ
#
_cell.length_a   170.325
_cell.length_b   170.325
_cell.length_c   66.919
_cell.angle_alpha   90.00
_cell.angle_beta   90.00
_cell.angle_gamma   120.00
#
_symmetry.space_group_name_H-M   'P 31 2 1'
#
loop_
_entity.id
_entity.type
_entity.pdbx_description
1 polymer 'Programmed cell death protein 4'
2 water water
#
_entity_poly.entity_id   1
_entity_poly.type   'polypeptide(L)'
_entity_poly.pdbx_seq_one_letter_code
;GPLGSPEFLPLDERAFEKTLTPIIQEYFEHGDTNEVAEMLRDLNLGEMKSGVPVLAVSLALEGKASHREMTSKLLSDLCG
TVMSTTDVEKSFDKLLKDLPELALDTPRAPQLVGQFIARAVGDGILCNTYIDSYKGTVDCVQARAALDKATVLLSMSKGG
KRKDSVWGSGGGQQSVNHLVKEIDMLLKEYLLSGDISEAEHCLKELEVPHFHHELVYEAIIMVLESTGESTFKMILDLLK
SLWKSSTITVDQMKRGYERIYNEIPDINLDVPHSYSVLERFVEECFQAGIISKQLRDLCPSRGRKRFVSEGDGGRLKPES
Y
;
_entity_poly.pdbx_strand_id   A,B
#
# COMPACT_ATOMS: atom_id res chain seq x y z
N GLU A 7 45.12 6.78 -0.55
CA GLU A 7 44.23 7.88 -1.03
C GLU A 7 44.48 8.21 -2.49
N PHE A 8 43.50 8.88 -3.12
CA PHE A 8 43.56 9.18 -4.54
C PHE A 8 43.51 10.68 -4.80
N LEU A 9 44.10 11.11 -5.91
CA LEU A 9 44.05 12.51 -6.32
C LEU A 9 42.64 12.86 -6.78
N PRO A 10 42.19 14.09 -6.50
CA PRO A 10 40.85 14.54 -6.94
C PRO A 10 40.63 14.37 -8.44
N LEU A 11 41.72 14.27 -9.22
CA LEU A 11 41.62 14.02 -10.66
C LEU A 11 41.09 12.61 -10.94
N ASP A 12 41.68 11.62 -10.28
CA ASP A 12 41.27 10.23 -10.47
C ASP A 12 39.93 9.94 -9.79
N GLU A 13 39.59 10.75 -8.78
CA GLU A 13 38.31 10.63 -8.12
C GLU A 13 37.17 11.12 -9.02
N ARG A 14 37.48 12.07 -9.90
CA ARG A 14 36.49 12.63 -10.83
C ARG A 14 36.27 11.70 -12.03
N ALA A 15 37.36 11.11 -12.53
CA ALA A 15 37.27 10.13 -13.59
C ALA A 15 36.46 8.90 -13.15
N PHE A 16 36.61 8.54 -11.88
CA PHE A 16 35.85 7.46 -11.28
C PHE A 16 34.36 7.80 -11.24
N GLU A 17 34.02 8.94 -10.66
CA GLU A 17 32.63 9.38 -10.58
C GLU A 17 32.02 9.48 -11.97
N LYS A 18 32.76 10.07 -12.90
CA LYS A 18 32.27 10.29 -14.25
C LYS A 18 31.93 8.97 -14.93
N THR A 19 32.84 8.01 -14.81
CA THR A 19 32.65 6.71 -15.43
C THR A 19 31.52 5.92 -14.77
N LEU A 20 31.52 5.88 -13.44
CA LEU A 20 30.61 5.01 -12.71
C LEU A 20 29.16 5.50 -12.52
N THR A 21 28.97 6.82 -12.46
CA THR A 21 27.64 7.38 -12.27
C THR A 21 26.61 6.89 -13.30
N PRO A 22 26.96 6.92 -14.60
CA PRO A 22 25.96 6.44 -15.56
C PRO A 22 25.72 4.93 -15.49
N ILE A 23 26.69 4.16 -14.99
CA ILE A 23 26.49 2.72 -14.76
C ILE A 23 25.51 2.48 -13.61
N ILE A 24 25.67 3.25 -12.53
CA ILE A 24 24.81 3.12 -11.37
C ILE A 24 23.44 3.73 -11.65
N GLN A 25 23.44 4.89 -12.30
CA GLN A 25 22.21 5.59 -12.59
C GLN A 25 21.35 4.77 -13.54
N GLU A 26 21.99 4.02 -14.42
CA GLU A 26 21.28 3.15 -15.36
C GLU A 26 20.75 1.89 -14.70
N TYR A 27 21.59 1.26 -13.88
CA TYR A 27 21.15 0.12 -13.11
C TYR A 27 19.82 0.41 -12.43
N PHE A 28 19.72 1.57 -11.77
CA PHE A 28 18.49 1.98 -11.10
C PHE A 28 17.31 1.91 -12.07
N GLU A 29 17.62 1.79 -13.35
CA GLU A 29 16.58 1.85 -14.36
C GLU A 29 16.30 0.47 -14.97
N HIS A 30 17.35 -0.35 -15.10
CA HIS A 30 17.19 -1.69 -15.68
C HIS A 30 17.21 -2.80 -14.64
N GLY A 31 17.87 -2.54 -13.51
CA GLY A 31 17.88 -3.47 -12.38
C GLY A 31 18.67 -4.75 -12.59
N ASP A 32 19.37 -4.84 -13.71
CA ASP A 32 20.18 -6.02 -14.01
C ASP A 32 21.53 -5.92 -13.32
N THR A 33 21.66 -6.69 -12.24
CA THR A 33 22.87 -6.72 -11.43
C THR A 33 24.06 -7.31 -12.18
N ASN A 34 23.79 -8.31 -13.01
CA ASN A 34 24.83 -8.97 -13.80
C ASN A 34 25.47 -8.04 -14.83
N GLU A 35 24.66 -7.17 -15.42
CA GLU A 35 25.16 -6.21 -16.39
C GLU A 35 26.17 -5.26 -15.72
N VAL A 36 25.84 -4.77 -14.53
CA VAL A 36 26.74 -3.93 -13.76
C VAL A 36 28.02 -4.70 -13.41
N ALA A 37 27.87 -5.94 -12.98
CA ALA A 37 29.01 -6.79 -12.66
C ALA A 37 30.00 -6.86 -13.81
N GLU A 38 29.50 -7.18 -15.00
CA GLU A 38 30.33 -7.29 -16.19
C GLU A 38 31.04 -5.99 -16.53
N MET A 39 30.32 -4.88 -16.43
CA MET A 39 30.90 -3.58 -16.75
C MET A 39 32.02 -3.21 -15.79
N LEU A 40 31.84 -3.52 -14.51
CA LEU A 40 32.86 -3.23 -13.50
C LEU A 40 34.09 -4.12 -13.65
N ARG A 41 33.90 -5.30 -14.22
CA ARG A 41 34.99 -6.23 -14.50
C ARG A 41 35.91 -5.65 -15.56
N ASP A 42 35.30 -5.08 -16.61
CA ASP A 42 36.05 -4.50 -17.73
C ASP A 42 36.79 -3.23 -17.34
N LEU A 43 36.37 -2.59 -16.26
CA LEU A 43 37.01 -1.35 -15.82
C LEU A 43 38.28 -1.64 -15.01
N ASN A 44 38.43 -2.89 -14.58
CA ASN A 44 39.60 -3.31 -13.83
C ASN A 44 39.97 -2.28 -12.76
N LEU A 45 39.04 -2.06 -11.84
CA LEU A 45 39.24 -1.11 -10.75
C LEU A 45 40.21 -1.70 -9.74
N GLY A 46 41.19 -0.92 -9.35
CA GLY A 46 42.20 -1.42 -8.41
C GLY A 46 41.72 -1.34 -6.99
N GLU A 47 42.43 -0.55 -6.18
CA GLU A 47 42.05 -0.34 -4.80
C GLU A 47 40.90 0.65 -4.71
N MET A 48 40.43 1.14 -5.86
CA MET A 48 39.29 2.05 -5.88
C MET A 48 37.95 1.31 -6.10
N LYS A 49 37.98 0.00 -5.88
CA LYS A 49 36.78 -0.83 -5.91
C LYS A 49 35.82 -0.44 -4.78
N SER A 50 36.39 -0.11 -3.62
CA SER A 50 35.60 0.25 -2.45
C SER A 50 34.83 1.55 -2.68
N GLY A 51 35.15 2.24 -3.76
CA GLY A 51 34.47 3.48 -4.11
C GLY A 51 33.09 3.23 -4.71
N VAL A 52 32.87 2.02 -5.21
CA VAL A 52 31.62 1.67 -5.89
C VAL A 52 30.41 1.69 -4.94
N PRO A 53 30.50 0.98 -3.79
CA PRO A 53 29.40 1.07 -2.84
C PRO A 53 29.24 2.47 -2.22
N VAL A 54 30.33 3.22 -2.09
CA VAL A 54 30.24 4.58 -1.57
C VAL A 54 29.45 5.45 -2.56
N LEU A 55 29.83 5.37 -3.83
CA LEU A 55 29.15 6.14 -4.86
C LEU A 55 27.68 5.71 -5.00
N ALA A 56 27.46 4.40 -5.07
CA ALA A 56 26.11 3.85 -5.28
C ALA A 56 25.15 4.27 -4.16
N VAL A 57 25.63 4.23 -2.92
CA VAL A 57 24.79 4.59 -1.78
C VAL A 57 24.43 6.07 -1.80
N SER A 58 25.42 6.93 -2.03
CA SER A 58 25.18 8.36 -2.02
C SER A 58 24.32 8.79 -3.21
N LEU A 59 24.47 8.10 -4.33
CA LEU A 59 23.57 8.30 -5.46
C LEU A 59 22.15 7.89 -5.09
N ALA A 60 22.03 6.72 -4.46
CA ALA A 60 20.73 6.21 -4.03
C ALA A 60 20.04 7.16 -3.06
N LEU A 61 20.80 7.68 -2.09
CA LEU A 61 20.27 8.62 -1.10
C LEU A 61 19.59 9.83 -1.75
N GLU A 62 20.14 10.28 -2.86
CA GLU A 62 19.61 11.45 -3.56
C GLU A 62 18.49 11.08 -4.52
N GLY A 63 18.17 9.79 -4.61
CA GLY A 63 17.19 9.31 -5.57
C GLY A 63 15.89 8.87 -4.93
N LYS A 64 15.10 8.12 -5.69
CA LYS A 64 13.82 7.58 -5.21
C LYS A 64 14.06 6.58 -4.09
N ALA A 65 13.05 6.39 -3.25
CA ALA A 65 13.13 5.43 -2.16
C ALA A 65 13.45 4.01 -2.65
N SER A 66 12.98 3.68 -3.86
CA SER A 66 13.22 2.36 -4.44
C SER A 66 14.69 2.11 -4.82
N HIS A 67 15.44 3.19 -5.03
CA HIS A 67 16.84 3.10 -5.43
C HIS A 67 17.73 2.57 -4.30
N ARG A 68 17.27 2.73 -3.07
CA ARG A 68 18.03 2.27 -1.91
C ARG A 68 18.00 0.75 -1.78
N GLU A 69 16.81 0.17 -1.93
CA GLU A 69 16.67 -1.28 -1.98
C GLU A 69 17.52 -1.85 -3.12
N MET A 70 17.39 -1.24 -4.30
CA MET A 70 18.13 -1.68 -5.48
C MET A 70 19.64 -1.64 -5.27
N THR A 71 20.11 -0.62 -4.55
CA THR A 71 21.53 -0.52 -4.22
C THR A 71 21.96 -1.66 -3.28
N SER A 72 21.15 -1.96 -2.28
CA SER A 72 21.43 -3.07 -1.37
C SER A 72 21.60 -4.38 -2.10
N LYS A 73 20.69 -4.66 -3.05
CA LYS A 73 20.76 -5.86 -3.87
C LYS A 73 22.07 -5.88 -4.68
N LEU A 74 22.43 -4.71 -5.19
CA LEU A 74 23.64 -4.59 -5.99
C LEU A 74 24.88 -4.91 -5.16
N LEU A 75 24.91 -4.40 -3.93
CA LEU A 75 26.06 -4.63 -3.06
C LEU A 75 26.18 -6.11 -2.73
N SER A 76 25.06 -6.73 -2.38
CA SER A 76 25.02 -8.17 -2.09
C SER A 76 25.54 -8.99 -3.27
N ASP A 77 25.06 -8.66 -4.47
CA ASP A 77 25.41 -9.42 -5.67
C ASP A 77 26.86 -9.21 -6.11
N LEU A 78 27.35 -7.98 -6.00
CA LEU A 78 28.71 -7.66 -6.43
C LEU A 78 29.77 -8.23 -5.49
N CYS A 79 29.40 -8.40 -4.23
CA CYS A 79 30.34 -8.91 -3.23
C CYS A 79 30.57 -10.40 -3.41
N GLY A 80 31.82 -10.78 -3.61
CA GLY A 80 32.17 -12.17 -3.86
C GLY A 80 32.28 -12.46 -5.35
N THR A 81 32.27 -11.41 -6.15
CA THR A 81 32.35 -11.54 -7.61
C THR A 81 33.32 -10.53 -8.19
N VAL A 82 33.07 -9.25 -7.93
CA VAL A 82 33.95 -8.19 -8.41
C VAL A 82 34.54 -7.41 -7.24
N MET A 83 34.06 -7.71 -6.04
CA MET A 83 34.46 -6.97 -4.84
C MET A 83 34.44 -7.87 -3.61
N SER A 84 35.44 -7.71 -2.75
CA SER A 84 35.54 -8.51 -1.54
C SER A 84 34.80 -7.87 -0.37
N THR A 85 34.74 -8.61 0.74
CA THR A 85 34.11 -8.10 1.96
C THR A 85 34.93 -6.96 2.55
N THR A 86 36.24 -7.00 2.33
CA THR A 86 37.12 -5.92 2.74
C THR A 86 36.74 -4.63 2.00
N ASP A 87 36.53 -4.72 0.69
CA ASP A 87 36.09 -3.58 -0.09
C ASP A 87 34.79 -3.01 0.49
N VAL A 88 33.86 -3.89 0.79
CA VAL A 88 32.57 -3.47 1.32
C VAL A 88 32.73 -2.79 2.68
N GLU A 89 33.55 -3.38 3.55
CA GLU A 89 33.80 -2.78 4.86
C GLU A 89 34.41 -1.39 4.73
N LYS A 90 35.40 -1.24 3.86
CA LYS A 90 36.03 0.05 3.63
C LYS A 90 35.01 1.09 3.16
N SER A 91 34.09 0.66 2.30
CA SER A 91 32.99 1.50 1.83
C SER A 91 32.18 2.06 3.00
N PHE A 92 31.73 1.17 3.88
CA PHE A 92 30.88 1.60 5.00
C PHE A 92 31.64 2.46 6.01
N ASP A 93 32.94 2.23 6.12
CA ASP A 93 33.80 3.08 6.94
C ASP A 93 33.79 4.51 6.44
N LYS A 94 33.98 4.70 5.14
CA LYS A 94 33.99 6.04 4.55
C LYS A 94 32.60 6.66 4.57
N LEU A 95 31.60 5.81 4.36
CA LEU A 95 30.21 6.22 4.36
C LEU A 95 29.83 6.83 5.72
N LEU A 96 30.41 6.29 6.78
CA LEU A 96 30.17 6.81 8.12
C LEU A 96 31.00 8.07 8.41
N LYS A 97 32.13 8.20 7.73
CA LYS A 97 32.95 9.42 7.84
C LYS A 97 32.34 10.58 7.06
N ASP A 98 31.84 10.29 5.86
CA ASP A 98 31.25 11.33 5.01
C ASP A 98 29.80 11.58 5.36
N LEU A 99 29.37 11.08 6.51
CA LEU A 99 27.95 11.14 6.88
C LEU A 99 27.42 12.58 7.05
N PRO A 100 28.16 13.44 7.78
CA PRO A 100 27.73 14.82 7.92
C PRO A 100 27.63 15.58 6.60
N GLU A 101 28.43 15.20 5.60
CA GLU A 101 28.40 15.89 4.31
C GLU A 101 27.35 15.28 3.37
N LEU A 102 26.95 14.05 3.66
CA LEU A 102 25.85 13.38 2.96
C LEU A 102 24.54 13.91 3.50
N ALA A 103 24.54 14.22 4.80
CA ALA A 103 23.37 14.76 5.49
C ALA A 103 22.97 16.13 4.95
N LEU A 104 23.92 16.83 4.33
CA LEU A 104 23.64 18.14 3.73
C LEU A 104 22.63 18.01 2.60
N ASP A 105 22.82 17.02 1.74
CA ASP A 105 21.91 16.78 0.61
C ASP A 105 20.70 15.93 1.00
N THR A 106 20.87 15.07 2.00
CA THR A 106 19.81 14.18 2.43
C THR A 106 19.71 14.16 3.95
N PRO A 107 18.91 15.08 4.52
CA PRO A 107 18.76 15.23 5.96
C PRO A 107 18.58 13.91 6.73
N ARG A 108 18.01 12.89 6.08
CA ARG A 108 17.78 11.60 6.73
C ARG A 108 18.86 10.56 6.43
N ALA A 109 20.01 11.02 5.95
CA ALA A 109 21.12 10.13 5.60
C ALA A 109 21.53 9.16 6.72
N PRO A 110 21.66 9.66 7.97
CA PRO A 110 22.01 8.75 9.06
C PRO A 110 21.10 7.52 9.11
N GLN A 111 19.79 7.76 9.16
CA GLN A 111 18.82 6.67 9.25
C GLN A 111 18.92 5.71 8.07
N LEU A 112 19.05 6.27 6.87
CA LEU A 112 19.11 5.48 5.65
C LEU A 112 20.41 4.69 5.52
N VAL A 113 21.49 5.23 6.09
CA VAL A 113 22.76 4.52 6.13
C VAL A 113 22.66 3.40 7.17
N GLY A 114 21.90 3.66 8.22
CA GLY A 114 21.54 2.62 9.18
C GLY A 114 20.85 1.47 8.47
N GLN A 115 19.87 1.78 7.65
CA GLN A 115 19.17 0.76 6.85
C GLN A 115 20.13 0.01 5.93
N PHE A 116 21.07 0.71 5.32
CA PHE A 116 22.06 0.08 4.45
C PHE A 116 22.96 -0.89 5.20
N ILE A 117 23.41 -0.47 6.39
CA ILE A 117 24.26 -1.31 7.23
C ILE A 117 23.52 -2.58 7.65
N ALA A 118 22.36 -2.41 8.29
CA ALA A 118 21.58 -3.55 8.77
C ALA A 118 21.36 -4.57 7.66
N ARG A 119 21.00 -4.07 6.49
CA ARG A 119 20.73 -4.93 5.34
C ARG A 119 22.00 -5.60 4.78
N ALA A 120 23.13 -4.93 4.93
CA ALA A 120 24.42 -5.48 4.53
C ALA A 120 24.82 -6.63 5.46
N VAL A 121 24.56 -6.45 6.74
CA VAL A 121 24.81 -7.48 7.75
C VAL A 121 23.90 -8.68 7.47
N GLY A 122 22.63 -8.40 7.16
CA GLY A 122 21.67 -9.45 6.82
C GLY A 122 22.04 -10.24 5.58
N ASP A 123 22.63 -9.58 4.59
CA ASP A 123 23.10 -10.25 3.38
C ASP A 123 24.47 -10.91 3.59
N GLY A 124 25.07 -10.68 4.76
CA GLY A 124 26.34 -11.29 5.09
C GLY A 124 27.57 -10.66 4.43
N ILE A 125 27.39 -9.48 3.83
CA ILE A 125 28.52 -8.78 3.19
C ILE A 125 29.23 -7.86 4.17
N LEU A 126 28.53 -7.49 5.25
CA LEU A 126 29.17 -6.92 6.44
C LEU A 126 29.03 -7.96 7.53
N CYS A 127 29.89 -7.88 8.55
CA CYS A 127 29.75 -8.80 9.67
C CYS A 127 28.84 -8.29 10.77
N ASN A 128 28.38 -9.22 11.61
CA ASN A 128 27.50 -8.87 12.72
C ASN A 128 28.25 -8.28 13.91
N THR A 129 29.58 -8.17 13.78
CA THR A 129 30.38 -7.52 14.81
C THR A 129 30.88 -6.15 14.36
N TYR A 130 30.48 -5.75 13.15
CA TYR A 130 30.93 -4.48 12.57
C TYR A 130 30.49 -3.25 13.37
N ILE A 131 29.22 -3.23 13.77
CA ILE A 131 28.67 -2.12 14.57
C ILE A 131 29.39 -1.97 15.90
N ASP A 132 29.47 -3.05 16.67
CA ASP A 132 30.03 -3.03 18.01
C ASP A 132 31.50 -2.65 18.05
N SER A 133 32.21 -2.92 16.95
CA SER A 133 33.64 -2.67 16.89
C SER A 133 33.97 -1.31 16.28
N TYR A 134 32.98 -0.42 16.26
CA TYR A 134 33.19 0.93 15.71
C TYR A 134 33.34 1.96 16.83
N LYS A 135 34.33 2.83 16.68
CA LYS A 135 34.59 3.89 17.66
C LYS A 135 34.89 5.23 16.99
N ASP A 139 32.59 10.40 18.93
CA ASP A 139 32.52 11.67 18.23
C ASP A 139 31.59 11.57 17.02
N CYS A 140 30.92 12.68 16.70
CA CYS A 140 29.98 12.70 15.60
C CYS A 140 28.68 11.99 15.95
N VAL A 141 27.66 12.76 16.32
CA VAL A 141 26.36 12.21 16.68
C VAL A 141 25.72 11.52 15.48
N GLN A 142 25.86 12.13 14.31
CA GLN A 142 25.25 11.58 13.09
C GLN A 142 25.71 10.14 12.84
N ALA A 143 27.01 9.90 13.00
CA ALA A 143 27.55 8.56 12.82
C ALA A 143 26.91 7.59 13.80
N ARG A 144 26.75 8.02 15.05
CA ARG A 144 26.15 7.18 16.08
C ARG A 144 24.68 6.91 15.77
N ALA A 145 24.00 7.90 15.20
CA ALA A 145 22.61 7.76 14.79
C ALA A 145 22.45 6.59 13.81
N ALA A 146 23.33 6.54 12.82
CA ALA A 146 23.33 5.49 11.81
C ALA A 146 23.54 4.10 12.41
N LEU A 147 24.53 3.98 13.29
CA LEU A 147 24.81 2.71 13.96
C LEU A 147 23.67 2.26 14.86
N ASP A 148 23.06 3.22 15.56
CA ASP A 148 21.92 2.93 16.44
C ASP A 148 20.70 2.43 15.67
N LYS A 149 20.48 3.00 14.48
CA LYS A 149 19.39 2.55 13.61
C LYS A 149 19.65 1.12 13.14
N ALA A 150 20.90 0.83 12.77
CA ALA A 150 21.28 -0.49 12.33
C ALA A 150 21.04 -1.54 13.42
N THR A 151 21.51 -1.25 14.63
CA THR A 151 21.36 -2.16 15.76
C THR A 151 19.88 -2.47 16.02
N VAL A 152 19.07 -1.43 16.14
CA VAL A 152 17.64 -1.58 16.39
C VAL A 152 16.99 -2.44 15.29
N LEU A 153 17.29 -2.13 14.03
CA LEU A 153 16.75 -2.90 12.91
C LEU A 153 17.18 -4.37 12.95
N LEU A 154 18.44 -4.62 13.32
CA LEU A 154 18.96 -5.99 13.35
C LEU A 154 18.44 -6.78 14.54
N SER A 155 18.52 -6.20 15.74
CA SER A 155 18.09 -6.88 16.96
C SER A 155 16.60 -7.22 16.92
N MET A 156 15.81 -6.28 16.42
CA MET A 156 14.38 -6.48 16.22
C MET A 156 14.13 -7.60 15.21
N SER A 157 14.96 -7.65 14.17
CA SER A 157 14.89 -8.70 13.15
C SER A 157 15.25 -10.08 13.72
N LYS A 158 15.88 -10.07 14.90
CA LYS A 158 16.25 -11.28 15.65
C LYS A 158 16.97 -12.33 14.80
N VAL A 176 2.49 -14.53 4.24
CA VAL A 176 3.59 -13.72 4.75
C VAL A 176 3.15 -12.29 5.04
N ASN A 177 2.35 -11.72 4.14
CA ASN A 177 1.86 -10.35 4.30
C ASN A 177 3.01 -9.35 4.44
N HIS A 178 3.51 -8.88 3.29
CA HIS A 178 4.65 -7.99 3.27
C HIS A 178 4.34 -6.65 3.93
N LEU A 179 3.15 -6.12 3.66
CA LEU A 179 2.72 -4.86 4.26
C LEU A 179 2.73 -4.95 5.79
N VAL A 180 2.02 -5.94 6.33
CA VAL A 180 1.95 -6.11 7.78
C VAL A 180 3.34 -6.22 8.39
N LYS A 181 4.24 -6.92 7.70
CA LYS A 181 5.61 -7.09 8.17
C LYS A 181 6.30 -5.74 8.38
N GLU A 182 6.07 -4.81 7.45
CA GLU A 182 6.62 -3.46 7.55
C GLU A 182 6.03 -2.70 8.72
N ILE A 183 4.73 -2.85 8.93
CA ILE A 183 4.03 -2.24 10.06
C ILE A 183 4.53 -2.80 11.40
N ASP A 184 4.68 -4.12 11.44
CA ASP A 184 5.20 -4.79 12.62
C ASP A 184 6.54 -4.19 13.04
N MET A 185 7.48 -4.10 12.10
CA MET A 185 8.80 -3.55 12.39
C MET A 185 8.75 -2.06 12.75
N LEU A 186 7.90 -1.32 12.05
CA LEU A 186 7.69 0.10 12.35
C LEU A 186 7.29 0.26 13.81
N LEU A 187 6.32 -0.53 14.24
CA LEU A 187 5.78 -0.46 15.60
C LEU A 187 6.78 -0.94 16.66
N LYS A 188 7.41 -2.08 16.40
CA LYS A 188 8.43 -2.61 17.30
C LYS A 188 9.56 -1.60 17.54
N GLU A 189 10.02 -0.96 16.46
CA GLU A 189 11.02 0.07 16.57
C GLU A 189 10.53 1.24 17.42
N TYR A 190 9.27 1.62 17.23
CA TYR A 190 8.67 2.73 17.96
C TYR A 190 8.56 2.43 19.46
N LEU A 191 8.26 1.19 19.79
CA LEU A 191 8.15 0.78 21.19
C LEU A 191 9.52 0.84 21.88
N LEU A 192 10.57 0.57 21.11
CA LEU A 192 11.93 0.56 21.64
C LEU A 192 12.49 1.96 21.85
N SER A 193 12.12 2.89 20.98
CA SER A 193 12.71 4.24 21.00
C SER A 193 11.75 5.31 21.53
N GLY A 194 10.45 5.16 21.23
CA GLY A 194 9.46 6.11 21.69
C GLY A 194 9.36 7.32 20.78
N ASP A 195 9.98 7.22 19.61
CA ASP A 195 10.03 8.33 18.67
C ASP A 195 8.80 8.35 17.76
N ILE A 196 7.83 9.20 18.11
CA ILE A 196 6.62 9.36 17.31
C ILE A 196 6.96 9.83 15.89
N SER A 197 7.78 10.87 15.82
CA SER A 197 8.17 11.47 14.55
C SER A 197 8.76 10.46 13.56
N GLU A 198 9.69 9.64 14.05
CA GLU A 198 10.30 8.61 13.22
C GLU A 198 9.26 7.61 12.71
N ALA A 199 8.33 7.25 13.58
CA ALA A 199 7.28 6.29 13.23
C ALA A 199 6.33 6.89 12.19
N GLU A 200 5.96 8.15 12.38
CA GLU A 200 5.07 8.84 11.45
C GLU A 200 5.73 8.99 10.07
N HIS A 201 6.94 9.51 10.06
CA HIS A 201 7.68 9.69 8.81
C HIS A 201 7.84 8.38 8.07
N CYS A 202 8.38 7.38 8.75
CA CYS A 202 8.59 6.06 8.17
C CYS A 202 7.28 5.44 7.73
N LEU A 203 6.20 5.82 8.40
CA LEU A 203 4.87 5.34 8.03
C LEU A 203 4.47 5.82 6.64
N LYS A 204 4.59 7.13 6.41
CA LYS A 204 4.25 7.71 5.12
C LYS A 204 5.13 7.14 4.01
N GLU A 205 6.41 6.98 4.30
CA GLU A 205 7.35 6.41 3.34
C GLU A 205 6.78 5.16 2.70
N LEU A 206 5.91 4.46 3.42
CA LEU A 206 5.31 3.23 2.90
C LEU A 206 4.25 3.54 1.85
N GLU A 207 3.73 4.76 1.89
CA GLU A 207 2.71 5.23 0.96
C GLU A 207 1.55 4.23 0.79
N VAL A 208 0.78 4.03 1.86
CA VAL A 208 -0.36 3.12 1.85
C VAL A 208 -1.56 3.72 2.58
N PRO A 209 -1.95 4.94 2.20
CA PRO A 209 -2.99 5.69 2.90
C PRO A 209 -4.29 4.93 3.17
N HIS A 210 -4.66 4.02 2.28
CA HIS A 210 -5.91 3.27 2.43
C HIS A 210 -5.71 1.95 3.17
N PHE A 211 -4.55 1.81 3.80
CA PHE A 211 -4.24 0.60 4.56
C PHE A 211 -3.61 0.92 5.90
N HIS A 212 -3.83 2.15 6.35
CA HIS A 212 -3.38 2.55 7.68
C HIS A 212 -4.18 1.84 8.76
N HIS A 213 -5.34 1.29 8.39
CA HIS A 213 -6.14 0.49 9.31
C HIS A 213 -5.32 -0.71 9.79
N GLU A 214 -4.31 -1.06 9.01
CA GLU A 214 -3.40 -2.15 9.33
C GLU A 214 -2.48 -1.78 10.50
N LEU A 215 -2.02 -0.53 10.52
CA LEU A 215 -1.23 0.01 11.62
C LEU A 215 -2.06 0.04 12.91
N VAL A 216 -3.26 0.59 12.81
CA VAL A 216 -4.18 0.68 13.93
C VAL A 216 -4.45 -0.70 14.52
N TYR A 217 -4.86 -1.64 13.65
CA TYR A 217 -5.15 -3.00 14.09
C TYR A 217 -3.94 -3.62 14.79
N GLU A 218 -2.81 -3.62 14.09
CA GLU A 218 -1.60 -4.23 14.59
C GLU A 218 -1.17 -3.52 15.89
N ALA A 219 -1.26 -2.21 15.89
CA ALA A 219 -0.90 -1.42 17.07
C ALA A 219 -1.72 -1.84 18.29
N ILE A 220 -3.03 -1.98 18.10
CA ILE A 220 -3.92 -2.34 19.20
C ILE A 220 -3.64 -3.76 19.69
N ILE A 221 -3.39 -4.69 18.76
CA ILE A 221 -3.05 -6.05 19.11
C ILE A 221 -1.86 -6.09 20.09
N MET A 222 -0.85 -5.26 19.81
CA MET A 222 0.32 -5.18 20.67
C MET A 222 -0.06 -4.70 22.06
N VAL A 223 -0.95 -3.71 22.11
CA VAL A 223 -1.43 -3.20 23.38
C VAL A 223 -2.15 -4.25 24.24
N LEU A 224 -2.92 -5.14 23.60
CA LEU A 224 -3.62 -6.18 24.34
C LEU A 224 -2.71 -7.35 24.72
N GLU A 225 -1.65 -7.52 23.95
CA GLU A 225 -0.73 -8.63 24.13
C GLU A 225 0.38 -8.25 25.10
N SER A 226 0.43 -6.96 25.42
CA SER A 226 1.50 -6.41 26.22
C SER A 226 1.34 -6.81 27.68
N THR A 227 2.41 -6.64 28.45
CA THR A 227 2.35 -6.83 29.90
C THR A 227 2.82 -5.55 30.58
N GLY A 228 1.96 -4.98 31.44
CA GLY A 228 2.26 -3.70 32.06
C GLY A 228 1.59 -2.55 31.33
N GLU A 229 1.47 -1.41 32.00
CA GLU A 229 0.78 -0.25 31.43
C GLU A 229 1.71 0.59 30.54
N SER A 230 2.84 0.01 30.14
CA SER A 230 3.84 0.73 29.38
C SER A 230 3.46 0.85 27.89
N THR A 231 3.31 -0.29 27.24
CA THR A 231 2.93 -0.32 25.83
C THR A 231 1.61 0.40 25.60
N PHE A 232 0.64 0.16 26.47
CA PHE A 232 -0.67 0.78 26.38
C PHE A 232 -0.55 2.29 26.21
N LYS A 233 0.15 2.93 27.14
CA LYS A 233 0.35 4.37 27.12
C LYS A 233 1.07 4.79 25.84
N MET A 234 2.06 4.01 25.44
CA MET A 234 2.82 4.31 24.22
C MET A 234 1.93 4.26 22.98
N ILE A 235 1.27 3.12 22.77
CA ILE A 235 0.36 2.96 21.65
C ILE A 235 -0.63 4.11 21.58
N LEU A 236 -1.19 4.48 22.73
CA LEU A 236 -2.18 5.56 22.80
C LEU A 236 -1.58 6.86 22.31
N ASP A 237 -0.40 7.19 22.81
CA ASP A 237 0.31 8.39 22.38
C ASP A 237 0.40 8.41 20.86
N LEU A 238 0.87 7.32 20.28
CA LEU A 238 1.15 7.29 18.86
C LEU A 238 -0.12 7.56 18.08
N LEU A 239 -1.21 6.92 18.48
CA LEU A 239 -2.46 7.05 17.75
C LEU A 239 -3.02 8.46 17.82
N LYS A 240 -2.87 9.10 18.98
CA LYS A 240 -3.34 10.46 19.19
C LYS A 240 -2.57 11.41 18.27
N SER A 241 -1.24 11.29 18.30
CA SER A 241 -0.38 12.07 17.44
C SER A 241 -0.73 11.88 15.97
N LEU A 242 -0.89 10.63 15.56
CA LEU A 242 -1.15 10.31 14.15
C LEU A 242 -2.52 10.77 13.68
N TRP A 243 -3.45 10.95 14.62
CA TRP A 243 -4.78 11.43 14.30
C TRP A 243 -4.79 12.95 14.10
N LYS A 244 -4.11 13.67 14.99
CA LYS A 244 -4.07 15.14 14.94
C LYS A 244 -3.30 15.67 13.74
N SER A 245 -2.26 14.93 13.33
CA SER A 245 -1.43 15.34 12.20
C SER A 245 -2.03 14.88 10.87
N SER A 246 -3.31 14.52 10.89
CA SER A 246 -4.05 14.05 9.70
C SER A 246 -3.40 12.86 8.96
N THR A 247 -2.54 12.12 9.67
CA THR A 247 -1.86 10.97 9.07
C THR A 247 -2.83 9.80 8.87
N ILE A 248 -3.54 9.42 9.93
CA ILE A 248 -4.55 8.37 9.84
C ILE A 248 -5.97 8.93 9.75
N THR A 249 -6.52 8.96 8.55
CA THR A 249 -7.88 9.45 8.35
C THR A 249 -8.87 8.68 9.21
N VAL A 250 -10.11 9.17 9.24
CA VAL A 250 -11.16 8.58 10.08
C VAL A 250 -11.49 7.16 9.66
N ASP A 251 -11.63 6.96 8.34
CA ASP A 251 -11.95 5.65 7.80
C ASP A 251 -10.94 4.61 8.24
N GLN A 252 -9.67 4.85 7.92
CA GLN A 252 -8.60 3.93 8.30
C GLN A 252 -8.64 3.65 9.79
N MET A 253 -8.72 4.72 10.57
CA MET A 253 -8.76 4.62 12.01
C MET A 253 -9.99 3.87 12.49
N LYS A 254 -11.11 4.12 11.83
CA LYS A 254 -12.36 3.45 12.20
C LYS A 254 -12.33 1.98 11.81
N ARG A 255 -11.79 1.71 10.62
CA ARG A 255 -11.65 0.34 10.14
C ARG A 255 -10.83 -0.52 11.11
N GLY A 256 -9.73 0.04 11.61
CA GLY A 256 -8.87 -0.69 12.54
C GLY A 256 -9.61 -1.13 13.78
N TYR A 257 -10.40 -0.22 14.35
CA TYR A 257 -11.13 -0.52 15.58
C TYR A 257 -12.21 -1.56 15.34
N GLU A 258 -12.87 -1.47 14.20
CA GLU A 258 -13.92 -2.42 13.85
C GLU A 258 -13.36 -3.84 13.73
N ARG A 259 -12.14 -3.95 13.20
CA ARG A 259 -11.49 -5.24 13.08
C ARG A 259 -11.24 -5.86 14.46
N ILE A 260 -10.76 -5.05 15.40
CA ILE A 260 -10.52 -5.51 16.76
C ILE A 260 -11.80 -5.97 17.43
N TYR A 261 -12.84 -5.15 17.33
CA TYR A 261 -14.13 -5.47 17.95
C TYR A 261 -14.70 -6.77 17.39
N ASN A 262 -14.29 -7.10 16.17
CA ASN A 262 -14.76 -8.29 15.48
C ASN A 262 -14.07 -9.53 16.02
N GLU A 263 -12.80 -9.37 16.38
CA GLU A 263 -11.95 -10.49 16.75
C GLU A 263 -11.77 -10.63 18.25
N ILE A 264 -12.23 -9.65 19.00
CA ILE A 264 -12.01 -9.66 20.45
C ILE A 264 -12.64 -10.87 21.18
N PRO A 265 -13.80 -11.37 20.71
CA PRO A 265 -14.31 -12.55 21.40
C PRO A 265 -13.34 -13.72 21.29
N ASP A 266 -12.59 -13.76 20.19
CA ASP A 266 -11.58 -14.80 20.00
C ASP A 266 -10.29 -14.51 20.77
N ILE A 267 -9.75 -13.31 20.58
CA ILE A 267 -8.55 -12.88 21.29
C ILE A 267 -8.70 -13.06 22.80
N ASN A 268 -9.88 -12.71 23.32
CA ASN A 268 -10.19 -12.91 24.72
C ASN A 268 -9.87 -14.34 25.17
N LEU A 269 -10.20 -15.32 24.33
CA LEU A 269 -9.97 -16.73 24.65
C LEU A 269 -8.50 -17.11 24.85
N ASP A 270 -7.58 -16.33 24.26
CA ASP A 270 -6.15 -16.66 24.32
C ASP A 270 -5.34 -15.67 25.14
N VAL A 271 -5.79 -14.42 25.18
CA VAL A 271 -5.07 -13.38 25.91
C VAL A 271 -5.95 -12.89 27.05
N PRO A 272 -5.65 -13.34 28.28
CA PRO A 272 -6.47 -13.06 29.46
C PRO A 272 -6.78 -11.59 29.66
N HIS A 273 -8.06 -11.29 29.94
CA HIS A 273 -8.54 -9.94 30.25
C HIS A 273 -8.38 -8.96 29.08
N SER A 274 -8.60 -9.46 27.87
CA SER A 274 -8.50 -8.65 26.66
C SER A 274 -9.57 -7.56 26.56
N TYR A 275 -10.81 -7.91 26.89
CA TYR A 275 -11.93 -6.95 26.87
C TYR A 275 -11.66 -5.78 27.79
N SER A 276 -11.20 -6.07 29.01
CA SER A 276 -10.98 -5.02 29.99
C SER A 276 -9.92 -4.06 29.49
N VAL A 277 -8.87 -4.61 28.89
CA VAL A 277 -7.82 -3.78 28.32
C VAL A 277 -8.36 -2.97 27.14
N LEU A 278 -9.15 -3.62 26.29
CA LEU A 278 -9.72 -2.97 25.11
C LEU A 278 -10.69 -1.85 25.45
N GLU A 279 -11.60 -2.09 26.41
CA GLU A 279 -12.55 -1.04 26.77
C GLU A 279 -11.90 0.12 27.54
N ARG A 280 -10.83 -0.16 28.27
CA ARG A 280 -10.04 0.92 28.86
C ARG A 280 -9.41 1.73 27.74
N PHE A 281 -8.89 1.03 26.73
CA PHE A 281 -8.19 1.67 25.62
C PHE A 281 -9.14 2.50 24.75
N VAL A 282 -10.27 1.91 24.40
CA VAL A 282 -11.30 2.60 23.62
C VAL A 282 -11.78 3.87 24.35
N GLU A 283 -11.98 3.76 25.66
CA GLU A 283 -12.44 4.90 26.45
C GLU A 283 -11.39 6.01 26.50
N GLU A 284 -10.13 5.63 26.68
CA GLU A 284 -9.02 6.58 26.69
C GLU A 284 -8.98 7.34 25.38
N CYS A 285 -9.19 6.62 24.28
CA CYS A 285 -9.16 7.21 22.96
C CYS A 285 -10.35 8.15 22.72
N PHE A 286 -11.51 7.77 23.24
CA PHE A 286 -12.69 8.61 23.14
C PHE A 286 -12.53 9.87 24.00
N GLN A 287 -12.04 9.69 25.22
CA GLN A 287 -11.87 10.80 26.14
C GLN A 287 -10.79 11.76 25.64
N ALA A 288 -9.88 11.25 24.83
CA ALA A 288 -8.85 12.09 24.22
C ALA A 288 -9.36 12.67 22.90
N GLY A 289 -10.57 12.27 22.52
CA GLY A 289 -11.23 12.80 21.32
C GLY A 289 -10.66 12.36 19.99
N ILE A 290 -10.18 11.13 19.90
CA ILE A 290 -9.65 10.63 18.63
C ILE A 290 -10.57 9.61 17.96
N ILE A 291 -11.66 9.26 18.62
CA ILE A 291 -12.71 8.44 18.01
C ILE A 291 -14.09 8.99 18.35
N SER A 292 -15.03 8.84 17.42
CA SER A 292 -16.39 9.35 17.60
C SER A 292 -17.18 8.50 18.60
N LYS A 293 -18.30 9.04 19.07
CA LYS A 293 -19.16 8.32 20.00
C LYS A 293 -19.62 6.99 19.39
N GLN A 294 -19.79 6.95 18.08
CA GLN A 294 -20.21 5.73 17.42
C GLN A 294 -19.16 4.63 17.58
N LEU A 295 -17.91 4.94 17.25
CA LEU A 295 -16.82 3.98 17.42
C LEU A 295 -16.72 3.47 18.86
N ARG A 296 -16.71 4.38 19.82
CA ARG A 296 -16.71 4.02 21.23
C ARG A 296 -17.85 3.06 21.54
N ASP A 297 -19.08 3.47 21.18
CA ASP A 297 -20.27 2.69 21.48
C ASP A 297 -20.27 1.31 20.83
N LEU A 298 -19.64 1.20 19.66
CA LEU A 298 -19.65 -0.06 18.91
C LEU A 298 -18.76 -1.12 19.55
N CYS A 299 -17.94 -0.70 20.51
CA CYS A 299 -17.09 -1.62 21.26
C CYS A 299 -17.93 -2.55 22.13
N PRO A 300 -17.80 -3.86 21.92
CA PRO A 300 -18.61 -4.82 22.68
C PRO A 300 -18.27 -4.86 24.17
N SER A 301 -19.29 -5.01 25.01
CA SER A 301 -19.08 -5.02 26.46
C SER A 301 -18.89 -6.44 26.99
N ARG A 302 -19.62 -7.38 26.38
CA ARG A 302 -19.68 -8.80 26.81
C ARG A 302 -20.09 -9.01 28.28
N GLU B 7 -40.26 15.71 -9.76
CA GLU B 7 -39.70 17.09 -9.92
C GLU B 7 -39.98 17.98 -8.70
N PHE B 8 -38.98 18.76 -8.31
CA PHE B 8 -39.13 19.70 -7.21
C PHE B 8 -38.82 21.13 -7.66
N LEU B 9 -39.40 22.11 -6.97
CA LEU B 9 -39.14 23.51 -7.27
C LEU B 9 -37.69 23.86 -6.94
N PRO B 10 -37.13 24.87 -7.65
CA PRO B 10 -35.77 25.32 -7.35
C PRO B 10 -35.61 25.77 -5.90
N LEU B 11 -36.65 26.42 -5.37
CA LEU B 11 -36.67 26.93 -4.00
C LEU B 11 -36.49 25.82 -2.95
N ASP B 12 -37.04 24.64 -3.23
CA ASP B 12 -36.95 23.50 -2.32
C ASP B 12 -35.67 22.70 -2.53
N GLU B 13 -35.29 22.50 -3.80
CA GLU B 13 -34.11 21.69 -4.14
C GLU B 13 -32.82 22.37 -3.69
N ARG B 14 -32.80 23.71 -3.76
CA ARG B 14 -31.64 24.47 -3.29
C ARG B 14 -31.59 24.48 -1.75
N ALA B 15 -32.76 24.62 -1.12
CA ALA B 15 -32.85 24.53 0.34
C ALA B 15 -32.27 23.21 0.83
N PHE B 16 -32.54 22.15 0.06
CA PHE B 16 -32.06 20.81 0.38
C PHE B 16 -30.54 20.72 0.31
N GLU B 17 -29.97 21.13 -0.83
CA GLU B 17 -28.51 21.09 -1.02
C GLU B 17 -27.78 21.93 0.01
N LYS B 18 -28.31 23.13 0.27
CA LYS B 18 -27.69 24.08 1.19
C LYS B 18 -27.55 23.50 2.60
N THR B 19 -28.58 22.79 3.05
CA THR B 19 -28.60 22.22 4.38
C THR B 19 -27.75 20.96 4.51
N LEU B 20 -27.93 20.02 3.58
CA LEU B 20 -27.31 18.69 3.70
C LEU B 20 -25.84 18.60 3.32
N THR B 21 -25.38 19.51 2.46
CA THR B 21 -23.97 19.50 2.05
C THR B 21 -23.02 19.57 3.25
N PRO B 22 -23.24 20.54 4.18
CA PRO B 22 -22.39 20.56 5.37
C PRO B 22 -22.58 19.39 6.32
N ILE B 23 -23.74 18.72 6.26
CA ILE B 23 -23.94 17.50 7.05
C ILE B 23 -23.10 16.35 6.49
N ILE B 24 -23.25 16.10 5.18
CA ILE B 24 -22.50 15.04 4.52
C ILE B 24 -21.02 15.41 4.41
N GLN B 25 -20.75 16.68 4.13
CA GLN B 25 -19.37 17.14 4.02
C GLN B 25 -18.64 17.05 5.35
N GLU B 26 -19.40 17.12 6.44
CA GLU B 26 -18.82 16.99 7.79
C GLU B 26 -18.74 15.54 8.23
N TYR B 27 -19.74 14.74 7.86
CA TYR B 27 -19.73 13.32 8.17
C TYR B 27 -18.43 12.68 7.71
N PHE B 28 -18.03 12.97 6.48
CA PHE B 28 -16.78 12.44 5.95
C PHE B 28 -15.60 12.71 6.87
N GLU B 29 -15.69 13.80 7.62
CA GLU B 29 -14.63 14.19 8.54
C GLU B 29 -14.72 13.49 9.90
N HIS B 30 -15.93 13.15 10.34
CA HIS B 30 -16.10 12.55 11.67
C HIS B 30 -16.49 11.07 11.63
N GLY B 31 -17.09 10.64 10.52
CA GLY B 31 -17.38 9.22 10.31
C GLY B 31 -18.58 8.69 11.05
N ASP B 32 -19.06 9.43 12.05
CA ASP B 32 -20.20 9.00 12.86
C ASP B 32 -21.50 8.98 12.06
N THR B 33 -21.92 7.78 11.68
CA THR B 33 -23.13 7.55 10.89
C THR B 33 -24.39 7.85 11.69
N ASN B 34 -24.32 7.64 13.00
CA ASN B 34 -25.45 7.86 13.89
C ASN B 34 -25.79 9.34 14.04
N GLU B 35 -24.77 10.17 14.14
CA GLU B 35 -24.97 11.62 14.22
C GLU B 35 -25.69 12.12 12.98
N VAL B 36 -25.32 11.60 11.81
CA VAL B 36 -25.96 11.95 10.55
C VAL B 36 -27.42 11.48 10.54
N ALA B 37 -27.65 10.26 11.02
CA ALA B 37 -29.01 9.72 11.11
C ALA B 37 -29.92 10.57 11.97
N GLU B 38 -29.39 11.06 13.08
CA GLU B 38 -30.18 11.85 14.04
C GLU B 38 -30.49 13.26 13.55
N MET B 39 -29.62 13.80 12.70
CA MET B 39 -29.83 15.13 12.15
C MET B 39 -30.85 15.12 11.00
N LEU B 40 -30.87 14.03 10.24
CA LEU B 40 -31.82 13.88 9.14
C LEU B 40 -33.23 13.50 9.64
N ARG B 41 -33.29 12.92 10.83
CA ARG B 41 -34.56 12.64 11.48
C ARG B 41 -35.19 13.97 11.92
N ASP B 42 -34.36 14.85 12.47
CA ASP B 42 -34.82 16.16 12.92
C ASP B 42 -35.28 17.05 11.78
N LEU B 43 -34.67 16.90 10.62
CA LEU B 43 -35.04 17.69 9.43
C LEU B 43 -36.42 17.32 8.90
N ASN B 44 -36.83 16.08 9.14
CA ASN B 44 -38.16 15.60 8.75
C ASN B 44 -38.40 15.73 7.24
N LEU B 45 -37.43 15.29 6.45
CA LEU B 45 -37.54 15.34 5.00
C LEU B 45 -38.77 14.56 4.54
N GLY B 46 -39.57 15.17 3.68
CA GLY B 46 -40.76 14.52 3.15
C GLY B 46 -40.41 13.42 2.18
N GLU B 47 -40.87 13.57 0.94
CA GLU B 47 -40.57 12.62 -0.12
C GLU B 47 -39.14 12.79 -0.63
N MET B 48 -38.53 13.92 -0.28
CA MET B 48 -37.19 14.24 -0.78
C MET B 48 -36.06 13.55 -0.01
N LYS B 49 -36.40 12.48 0.70
CA LYS B 49 -35.39 11.64 1.34
C LYS B 49 -34.52 10.99 0.26
N SER B 50 -35.12 10.72 -0.89
CA SER B 50 -34.42 10.09 -2.01
C SER B 50 -33.27 10.93 -2.54
N GLY B 51 -33.24 12.21 -2.13
CA GLY B 51 -32.18 13.11 -2.57
C GLY B 51 -30.87 12.91 -1.83
N VAL B 52 -30.96 12.41 -0.60
CA VAL B 52 -29.78 12.21 0.25
C VAL B 52 -28.67 11.39 -0.42
N PRO B 53 -29.00 10.16 -0.88
CA PRO B 53 -27.96 9.32 -1.48
C PRO B 53 -27.38 9.91 -2.76
N VAL B 54 -28.22 10.57 -3.55
CA VAL B 54 -27.78 11.28 -4.76
C VAL B 54 -26.72 12.31 -4.41
N LEU B 55 -27.05 13.15 -3.42
CA LEU B 55 -26.17 14.21 -2.97
C LEU B 55 -24.90 13.63 -2.35
N ALA B 56 -25.07 12.62 -1.50
CA ALA B 56 -23.94 12.01 -0.79
C ALA B 56 -22.90 11.42 -1.76
N VAL B 57 -23.39 10.77 -2.81
CA VAL B 57 -22.53 10.18 -3.83
C VAL B 57 -21.86 11.25 -4.68
N SER B 58 -22.63 12.25 -5.11
CA SER B 58 -22.10 13.31 -5.97
C SER B 58 -21.03 14.13 -5.25
N LEU B 59 -21.20 14.31 -3.94
CA LEU B 59 -20.19 14.98 -3.13
C LEU B 59 -18.94 14.12 -2.99
N ALA B 60 -19.13 12.81 -2.86
CA ALA B 60 -18.03 11.86 -2.73
C ALA B 60 -17.24 11.74 -4.03
N LEU B 61 -17.94 11.78 -5.15
CA LEU B 61 -17.31 11.71 -6.47
C LEU B 61 -16.35 12.88 -6.70
N GLU B 62 -16.63 14.00 -6.04
CA GLU B 62 -15.85 15.22 -6.22
C GLU B 62 -14.84 15.45 -5.10
N GLY B 63 -14.75 14.51 -4.17
CA GLY B 63 -13.86 14.64 -3.03
C GLY B 63 -12.76 13.60 -3.00
N LYS B 64 -12.18 13.40 -1.82
CA LYS B 64 -11.15 12.39 -1.62
C LYS B 64 -11.69 10.99 -1.91
N ALA B 65 -10.79 10.10 -2.37
CA ALA B 65 -11.16 8.73 -2.70
C ALA B 65 -11.74 7.96 -1.51
N SER B 66 -11.30 8.32 -0.30
CA SER B 66 -11.78 7.69 0.92
C SER B 66 -13.24 8.03 1.23
N HIS B 67 -13.75 9.10 0.64
CA HIS B 67 -15.13 9.54 0.86
C HIS B 67 -16.15 8.62 0.19
N ARG B 68 -15.72 7.85 -0.80
CA ARG B 68 -16.61 6.92 -1.50
C ARG B 68 -17.03 5.79 -0.58
N GLU B 69 -16.05 5.15 0.05
CA GLU B 69 -16.31 4.10 1.03
C GLU B 69 -17.21 4.63 2.14
N MET B 70 -16.90 5.82 2.65
CA MET B 70 -17.70 6.43 3.70
C MET B 70 -19.14 6.68 3.25
N THR B 71 -19.31 7.05 1.99
CA THR B 71 -20.65 7.26 1.46
C THR B 71 -21.42 5.95 1.42
N SER B 72 -20.75 4.88 0.99
CA SER B 72 -21.35 3.55 0.97
C SER B 72 -21.84 3.10 2.35
N LYS B 73 -20.97 3.21 3.35
CA LYS B 73 -21.34 2.92 4.73
C LYS B 73 -22.55 3.73 5.15
N LEU B 74 -22.53 5.02 4.82
CA LEU B 74 -23.64 5.91 5.12
C LEU B 74 -24.95 5.39 4.54
N LEU B 75 -24.94 5.05 3.24
CA LEU B 75 -26.14 4.55 2.57
C LEU B 75 -26.65 3.28 3.23
N SER B 76 -25.74 2.39 3.58
CA SER B 76 -26.08 1.12 4.21
C SER B 76 -26.69 1.34 5.59
N ASP B 77 -26.08 2.20 6.39
CA ASP B 77 -26.55 2.47 7.75
C ASP B 77 -27.85 3.25 7.77
N LEU B 78 -27.97 4.24 6.89
CA LEU B 78 -29.16 5.07 6.84
C LEU B 78 -30.39 4.27 6.40
N CYS B 79 -30.19 3.39 5.43
CA CYS B 79 -31.28 2.55 4.93
C CYS B 79 -31.80 1.63 6.03
N GLY B 80 -33.10 1.70 6.29
CA GLY B 80 -33.72 0.86 7.31
C GLY B 80 -34.03 1.64 8.57
N THR B 81 -33.61 2.89 8.62
CA THR B 81 -33.84 3.74 9.78
C THR B 81 -34.47 5.07 9.39
N VAL B 82 -33.79 5.83 8.54
CA VAL B 82 -34.31 7.10 8.06
C VAL B 82 -34.54 7.09 6.56
N MET B 83 -34.24 5.95 5.93
CA MET B 83 -34.35 5.81 4.48
C MET B 83 -34.87 4.42 4.12
N SER B 84 -35.58 4.32 3.00
CA SER B 84 -36.14 3.03 2.58
C SER B 84 -35.48 2.54 1.28
N THR B 85 -35.53 1.24 1.06
CA THR B 85 -34.97 0.67 -0.17
C THR B 85 -35.48 1.40 -1.39
N THR B 86 -36.74 1.84 -1.34
CA THR B 86 -37.35 2.57 -2.44
C THR B 86 -36.61 3.86 -2.73
N ASP B 87 -36.33 4.64 -1.68
CA ASP B 87 -35.59 5.89 -1.83
C ASP B 87 -34.25 5.65 -2.50
N VAL B 88 -33.59 4.56 -2.11
CA VAL B 88 -32.27 4.21 -2.64
C VAL B 88 -32.35 3.95 -4.14
N GLU B 89 -33.40 3.24 -4.57
CA GLU B 89 -33.59 2.95 -5.99
C GLU B 89 -33.82 4.24 -6.78
N LYS B 90 -34.71 5.09 -6.27
CA LYS B 90 -34.94 6.41 -6.85
C LYS B 90 -33.62 7.17 -7.01
N SER B 91 -32.80 7.13 -5.95
CA SER B 91 -31.51 7.80 -5.95
C SER B 91 -30.63 7.33 -7.11
N PHE B 92 -30.56 6.02 -7.29
CA PHE B 92 -29.70 5.44 -8.32
C PHE B 92 -30.25 5.66 -9.73
N ASP B 93 -31.55 5.84 -9.83
CA ASP B 93 -32.17 6.19 -11.11
C ASP B 93 -31.73 7.58 -11.55
N LYS B 94 -31.91 8.56 -10.66
CA LYS B 94 -31.50 9.93 -10.93
C LYS B 94 -29.99 9.99 -11.17
N LEU B 95 -29.24 9.25 -10.35
CA LEU B 95 -27.79 9.23 -10.41
C LEU B 95 -27.31 8.77 -11.78
N LEU B 96 -28.03 7.84 -12.39
CA LEU B 96 -27.70 7.36 -13.73
C LEU B 96 -28.11 8.33 -14.84
N LYS B 97 -29.15 9.12 -14.58
CA LYS B 97 -29.58 10.15 -15.53
C LYS B 97 -28.64 11.35 -15.46
N ASP B 98 -28.16 11.65 -14.26
CA ASP B 98 -27.23 12.76 -14.04
C ASP B 98 -25.79 12.34 -14.32
N LEU B 99 -25.62 11.11 -14.80
CA LEU B 99 -24.27 10.54 -14.98
C LEU B 99 -23.42 11.27 -16.02
N PRO B 100 -23.98 11.61 -17.19
CA PRO B 100 -23.15 12.28 -18.19
C PRO B 100 -22.67 13.67 -17.77
N GLU B 101 -23.42 14.35 -16.91
CA GLU B 101 -22.98 15.65 -16.41
C GLU B 101 -21.99 15.50 -15.25
N LEU B 102 -22.18 14.47 -14.43
CA LEU B 102 -21.23 14.17 -13.36
C LEU B 102 -19.86 13.82 -13.93
N ALA B 103 -19.87 13.23 -15.12
CA ALA B 103 -18.64 12.82 -15.79
C ALA B 103 -17.79 14.01 -16.22
N LEU B 104 -18.45 15.16 -16.42
CA LEU B 104 -17.72 16.38 -16.76
C LEU B 104 -16.75 16.77 -15.65
N ASP B 105 -17.25 16.86 -14.42
CA ASP B 105 -16.43 17.19 -13.27
C ASP B 105 -15.51 16.03 -12.85
N THR B 106 -16.01 14.81 -12.98
CA THR B 106 -15.24 13.62 -12.60
C THR B 106 -15.32 12.55 -13.69
N PRO B 107 -14.37 12.58 -14.64
CA PRO B 107 -14.37 11.68 -15.80
C PRO B 107 -14.59 10.20 -15.47
N ARG B 108 -14.27 9.80 -14.24
CA ARG B 108 -14.42 8.40 -13.86
C ARG B 108 -15.69 8.09 -13.08
N ALA B 109 -16.66 9.00 -13.13
CA ALA B 109 -17.92 8.82 -12.42
C ALA B 109 -18.65 7.52 -12.77
N PRO B 110 -18.74 7.18 -14.07
CA PRO B 110 -19.45 5.94 -14.45
C PRO B 110 -19.00 4.72 -13.67
N GLN B 111 -17.71 4.41 -13.72
CA GLN B 111 -17.15 3.25 -13.02
C GLN B 111 -17.32 3.39 -11.50
N LEU B 112 -17.25 4.62 -11.00
CA LEU B 112 -17.37 4.86 -9.57
C LEU B 112 -18.82 4.73 -9.11
N VAL B 113 -19.75 5.11 -9.97
CA VAL B 113 -21.17 4.86 -9.71
C VAL B 113 -21.43 3.35 -9.80
N GLY B 114 -20.74 2.69 -10.72
CA GLY B 114 -20.77 1.23 -10.80
C GLY B 114 -20.35 0.59 -9.50
N GLN B 115 -19.20 1.01 -8.98
CA GLN B 115 -18.75 0.56 -7.66
C GLN B 115 -19.84 0.80 -6.62
N PHE B 116 -20.51 1.94 -6.69
CA PHE B 116 -21.57 2.27 -5.74
C PHE B 116 -22.76 1.30 -5.85
N ILE B 117 -23.21 1.05 -7.08
CA ILE B 117 -24.34 0.15 -7.30
C ILE B 117 -24.02 -1.27 -6.81
N ALA B 118 -22.85 -1.77 -7.18
CA ALA B 118 -22.41 -3.11 -6.79
C ALA B 118 -22.29 -3.25 -5.27
N ARG B 119 -21.69 -2.25 -4.63
CA ARG B 119 -21.55 -2.22 -3.18
C ARG B 119 -22.91 -2.12 -2.47
N ALA B 120 -23.86 -1.44 -3.11
CA ALA B 120 -25.21 -1.32 -2.55
C ALA B 120 -25.99 -2.63 -2.64
N VAL B 121 -25.80 -3.38 -3.72
CA VAL B 121 -26.42 -4.69 -3.86
C VAL B 121 -25.84 -5.64 -2.82
N GLY B 122 -24.53 -5.54 -2.60
CA GLY B 122 -23.83 -6.32 -1.59
C GLY B 122 -24.32 -6.07 -0.17
N ASP B 123 -24.67 -4.83 0.12
CA ASP B 123 -25.16 -4.45 1.44
C ASP B 123 -26.66 -4.72 1.60
N GLY B 124 -27.29 -5.22 0.55
CA GLY B 124 -28.72 -5.53 0.57
C GLY B 124 -29.63 -4.32 0.64
N ILE B 125 -29.19 -3.20 0.07
CA ILE B 125 -30.02 -1.99 0.00
C ILE B 125 -30.48 -1.71 -1.42
N LEU B 126 -29.96 -2.48 -2.38
CA LEU B 126 -30.37 -2.39 -3.77
C LEU B 126 -30.60 -3.81 -4.31
N CYS B 127 -31.69 -4.00 -5.05
CA CYS B 127 -31.99 -5.29 -5.64
C CYS B 127 -30.99 -5.65 -6.73
N ASN B 128 -30.52 -6.89 -6.71
CA ASN B 128 -29.58 -7.34 -7.73
C ASN B 128 -30.18 -7.22 -9.13
N THR B 129 -31.48 -7.46 -9.24
CA THR B 129 -32.20 -7.38 -10.52
C THR B 129 -32.27 -5.96 -11.07
N TYR B 130 -31.95 -4.98 -10.24
CA TYR B 130 -32.00 -3.58 -10.64
C TYR B 130 -31.11 -3.30 -11.86
N ILE B 131 -29.95 -3.95 -11.91
CA ILE B 131 -28.99 -3.71 -13.00
C ILE B 131 -29.55 -4.11 -14.37
N ASP B 132 -30.07 -5.33 -14.49
CA ASP B 132 -30.62 -5.81 -15.75
C ASP B 132 -31.94 -5.14 -16.11
N SER B 133 -32.67 -4.66 -15.11
CA SER B 133 -33.98 -4.08 -15.34
C SER B 133 -33.94 -2.58 -15.65
N TYR B 134 -32.74 -2.03 -15.77
CA TYR B 134 -32.60 -0.61 -16.11
C TYR B 134 -32.48 -0.41 -17.61
N LYS B 135 -33.35 0.45 -18.15
CA LYS B 135 -33.37 0.73 -19.58
C LYS B 135 -33.14 2.22 -19.86
N ASP B 139 -29.81 3.71 -24.60
CA ASP B 139 -29.23 5.03 -24.81
C ASP B 139 -28.27 5.40 -23.67
N CYS B 140 -27.37 6.33 -23.95
CA CYS B 140 -26.38 6.75 -22.96
C CYS B 140 -25.32 5.69 -22.75
N VAL B 141 -24.19 5.83 -23.43
CA VAL B 141 -23.10 4.89 -23.31
C VAL B 141 -22.48 4.93 -21.92
N GLN B 142 -22.48 6.12 -21.32
CA GLN B 142 -21.89 6.31 -19.99
C GLN B 142 -22.68 5.55 -18.93
N ALA B 143 -24.00 5.61 -19.02
CA ALA B 143 -24.86 4.92 -18.07
C ALA B 143 -24.64 3.41 -18.14
N ARG B 144 -24.46 2.90 -19.35
CA ARG B 144 -24.25 1.47 -19.56
C ARG B 144 -22.93 1.03 -18.94
N ALA B 145 -21.88 1.82 -19.15
CA ALA B 145 -20.58 1.54 -18.55
C ALA B 145 -20.70 1.32 -17.05
N ALA B 146 -21.45 2.19 -16.38
CA ALA B 146 -21.67 2.09 -14.95
C ALA B 146 -22.32 0.76 -14.58
N LEU B 147 -23.33 0.37 -15.35
CA LEU B 147 -24.06 -0.87 -15.10
C LEU B 147 -23.22 -2.10 -15.43
N ASP B 148 -22.36 -1.97 -16.44
CA ASP B 148 -21.45 -3.06 -16.78
C ASP B 148 -20.40 -3.25 -15.69
N LYS B 149 -19.89 -2.14 -15.15
CA LYS B 149 -18.98 -2.20 -14.02
C LYS B 149 -19.64 -2.92 -12.84
N ALA B 150 -20.87 -2.52 -12.52
CA ALA B 150 -21.64 -3.15 -11.46
C ALA B 150 -21.81 -4.65 -11.70
N THR B 151 -22.15 -5.00 -12.94
CA THR B 151 -22.31 -6.39 -13.34
C THR B 151 -21.03 -7.20 -13.11
N VAL B 152 -19.91 -6.69 -13.60
CA VAL B 152 -18.63 -7.40 -13.50
C VAL B 152 -18.18 -7.55 -12.05
N LEU B 153 -18.44 -6.54 -11.23
CA LEU B 153 -18.07 -6.60 -9.82
C LEU B 153 -18.89 -7.65 -9.08
N LEU B 154 -20.15 -7.79 -9.45
CA LEU B 154 -21.04 -8.72 -8.77
C LEU B 154 -20.85 -10.16 -9.21
N SER B 155 -20.57 -10.37 -10.50
CA SER B 155 -20.33 -11.72 -11.01
C SER B 155 -19.02 -12.26 -10.45
N MET B 156 -18.00 -11.42 -10.45
CA MET B 156 -16.70 -11.76 -9.89
C MET B 156 -16.83 -12.09 -8.40
N SER B 157 -17.66 -11.33 -7.70
CA SER B 157 -17.82 -11.49 -6.25
C SER B 157 -18.39 -12.86 -5.90
N LYS B 158 -19.24 -13.38 -6.78
CA LYS B 158 -19.87 -14.70 -6.65
C LYS B 158 -20.83 -14.85 -5.45
N VAL B 176 -5.73 -12.64 6.48
CA VAL B 176 -6.63 -12.31 5.38
C VAL B 176 -5.92 -11.54 4.28
N ASN B 177 -4.93 -10.73 4.67
CA ASN B 177 -4.22 -9.88 3.71
C ASN B 177 -5.16 -9.00 2.92
N HIS B 178 -5.52 -7.86 3.50
CA HIS B 178 -6.46 -6.95 2.88
C HIS B 178 -5.92 -6.43 1.55
N LEU B 179 -4.66 -6.03 1.55
CA LEU B 179 -4.03 -5.54 0.33
C LEU B 179 -4.09 -6.59 -0.78
N VAL B 180 -3.69 -7.82 -0.45
CA VAL B 180 -3.73 -8.91 -1.42
C VAL B 180 -5.13 -9.12 -1.97
N LYS B 181 -6.11 -9.21 -1.07
CA LYS B 181 -7.50 -9.33 -1.48
C LYS B 181 -7.86 -8.30 -2.55
N GLU B 182 -7.53 -7.04 -2.30
CA GLU B 182 -7.80 -5.98 -3.27
C GLU B 182 -7.17 -6.29 -4.62
N ILE B 183 -5.90 -6.72 -4.60
CA ILE B 183 -5.20 -7.10 -5.82
C ILE B 183 -5.93 -8.25 -6.52
N ASP B 184 -6.25 -9.28 -5.76
CA ASP B 184 -6.92 -10.46 -6.27
C ASP B 184 -8.24 -10.12 -6.97
N MET B 185 -9.02 -9.21 -6.39
CA MET B 185 -10.29 -8.80 -6.97
C MET B 185 -10.09 -8.00 -8.24
N LEU B 186 -9.03 -7.21 -8.27
CA LEU B 186 -8.69 -6.41 -9.43
C LEU B 186 -8.36 -7.31 -10.61
N LEU B 187 -7.53 -8.32 -10.35
CA LEU B 187 -7.09 -9.25 -11.39
C LEU B 187 -8.26 -10.08 -11.93
N LYS B 188 -9.12 -10.54 -11.03
CA LYS B 188 -10.28 -11.33 -11.43
C LYS B 188 -11.24 -10.52 -12.30
N GLU B 189 -11.47 -9.26 -11.96
CA GLU B 189 -12.26 -8.39 -12.80
C GLU B 189 -11.64 -8.31 -14.20
N TYR B 190 -10.33 -8.12 -14.23
CA TYR B 190 -9.61 -8.00 -15.49
C TYR B 190 -9.80 -9.23 -16.38
N LEU B 191 -9.70 -10.42 -15.80
CA LEU B 191 -9.83 -11.65 -16.56
C LEU B 191 -11.24 -11.84 -17.12
N LEU B 192 -12.22 -11.19 -16.49
CA LEU B 192 -13.60 -11.27 -16.95
C LEU B 192 -13.94 -10.25 -18.02
N SER B 193 -13.26 -9.10 -17.99
CA SER B 193 -13.59 -8.00 -18.89
C SER B 193 -12.52 -7.72 -19.95
N GLY B 194 -11.28 -8.10 -19.67
CA GLY B 194 -10.18 -7.86 -20.60
C GLY B 194 -9.76 -6.39 -20.68
N ASP B 195 -10.40 -5.55 -19.88
CA ASP B 195 -10.13 -4.10 -19.89
C ASP B 195 -8.82 -3.76 -19.20
N ILE B 196 -7.73 -3.71 -19.98
CA ILE B 196 -6.43 -3.32 -19.47
C ILE B 196 -6.52 -1.95 -18.80
N SER B 197 -7.19 -1.02 -19.46
CA SER B 197 -7.25 0.37 -19.00
C SER B 197 -7.92 0.52 -17.62
N GLU B 198 -9.02 -0.21 -17.42
CA GLU B 198 -9.72 -0.19 -16.15
C GLU B 198 -8.85 -0.76 -15.03
N ALA B 199 -8.12 -1.83 -15.34
CA ALA B 199 -7.20 -2.44 -14.39
C ALA B 199 -6.12 -1.47 -13.90
N GLU B 200 -5.59 -0.66 -14.82
CA GLU B 200 -4.51 0.26 -14.47
C GLU B 200 -4.99 1.42 -13.60
N HIS B 201 -6.15 1.98 -13.91
CA HIS B 201 -6.71 3.03 -13.10
C HIS B 201 -6.97 2.50 -11.70
N CYS B 202 -7.36 1.23 -11.63
CA CYS B 202 -7.78 0.62 -10.36
C CYS B 202 -6.62 0.24 -9.47
N LEU B 203 -5.48 -0.07 -10.09
CA LEU B 203 -4.26 -0.29 -9.34
C LEU B 203 -3.76 1.02 -8.77
N LYS B 204 -4.14 2.11 -9.41
CA LYS B 204 -3.68 3.42 -9.04
C LYS B 204 -4.56 4.00 -7.97
N GLU B 205 -5.82 3.63 -7.98
CA GLU B 205 -6.76 4.08 -6.95
C GLU B 205 -6.53 3.34 -5.65
N LEU B 206 -5.90 2.18 -5.72
CA LEU B 206 -5.48 1.46 -4.52
C LEU B 206 -4.36 2.21 -3.81
N GLU B 207 -3.57 2.96 -4.59
CA GLU B 207 -2.48 3.77 -4.07
C GLU B 207 -1.52 2.95 -3.22
N VAL B 208 -0.86 1.98 -3.85
CA VAL B 208 0.10 1.11 -3.16
C VAL B 208 1.37 0.88 -3.99
N PRO B 209 2.05 1.97 -4.40
CA PRO B 209 3.14 1.86 -5.36
C PRO B 209 4.29 0.92 -4.95
N HIS B 210 4.61 0.85 -3.66
CA HIS B 210 5.71 0.01 -3.20
C HIS B 210 5.27 -1.44 -2.98
N PHE B 211 4.06 -1.76 -3.40
CA PHE B 211 3.55 -3.12 -3.25
C PHE B 211 2.93 -3.62 -4.55
N HIS B 212 3.43 -3.07 -5.65
CA HIS B 212 3.00 -3.51 -6.97
C HIS B 212 3.56 -4.90 -7.29
N HIS B 213 4.63 -5.28 -6.60
CA HIS B 213 5.19 -6.62 -6.75
C HIS B 213 4.14 -7.66 -6.37
N GLU B 214 3.23 -7.26 -5.48
CA GLU B 214 2.11 -8.10 -5.11
C GLU B 214 1.24 -8.42 -6.32
N LEU B 215 0.94 -7.40 -7.13
CA LEU B 215 0.17 -7.58 -8.35
C LEU B 215 0.90 -8.52 -9.32
N VAL B 216 2.20 -8.29 -9.51
CA VAL B 216 3.02 -9.12 -10.39
C VAL B 216 3.02 -10.57 -9.93
N TYR B 217 3.29 -10.77 -8.65
CA TYR B 217 3.35 -12.10 -8.07
C TYR B 217 2.01 -12.81 -8.27
N GLU B 218 0.95 -12.18 -7.81
CA GLU B 218 -0.37 -12.78 -7.79
C GLU B 218 -0.87 -13.05 -9.20
N ALA B 219 -0.55 -12.14 -10.12
CA ALA B 219 -0.95 -12.29 -11.52
C ALA B 219 -0.28 -13.53 -12.12
N ILE B 220 0.92 -13.82 -11.66
CA ILE B 220 1.70 -14.95 -12.15
C ILE B 220 1.08 -16.28 -11.73
N ILE B 221 0.82 -16.42 -10.44
CA ILE B 221 0.16 -17.61 -9.93
C ILE B 221 -1.07 -17.96 -10.77
N MET B 222 -1.92 -16.97 -10.99
CA MET B 222 -3.11 -17.17 -11.80
C MET B 222 -2.77 -17.77 -13.16
N VAL B 223 -1.59 -17.44 -13.65
CA VAL B 223 -1.14 -17.98 -14.93
C VAL B 223 -0.73 -19.43 -14.74
N LEU B 224 -0.03 -19.69 -13.64
CA LEU B 224 0.51 -21.02 -13.37
C LEU B 224 -0.59 -22.00 -13.02
N GLU B 225 -1.80 -21.49 -12.79
CA GLU B 225 -2.90 -22.31 -12.30
C GLU B 225 -3.93 -22.56 -13.37
N SER B 226 -3.96 -21.68 -14.35
CA SER B 226 -5.01 -21.68 -15.36
C SER B 226 -4.89 -22.86 -16.32
N THR B 227 -5.86 -22.99 -17.20
CA THR B 227 -5.86 -24.01 -18.24
C THR B 227 -5.58 -23.36 -19.59
N GLY B 228 -4.52 -23.81 -20.26
CA GLY B 228 -4.17 -23.28 -21.59
C GLY B 228 -3.93 -21.79 -21.57
N GLU B 229 -3.84 -21.20 -22.77
CA GLU B 229 -3.60 -19.76 -22.89
C GLU B 229 -4.66 -18.94 -22.15
N SER B 230 -5.27 -18.01 -22.87
CA SER B 230 -6.30 -17.16 -22.29
C SER B 230 -5.76 -16.36 -21.11
N THR B 231 -5.62 -17.02 -19.96
CA THR B 231 -5.14 -16.35 -18.74
C THR B 231 -3.66 -15.99 -18.86
N PHE B 232 -2.92 -16.83 -19.56
CA PHE B 232 -1.50 -16.63 -19.78
C PHE B 232 -1.25 -15.47 -20.73
N LYS B 233 -2.02 -15.41 -21.81
CA LYS B 233 -1.88 -14.34 -22.77
C LYS B 233 -2.46 -13.04 -22.23
N MET B 234 -3.65 -13.14 -21.66
CA MET B 234 -4.35 -11.98 -21.10
C MET B 234 -3.50 -11.29 -20.04
N ILE B 235 -2.91 -12.08 -19.15
CA ILE B 235 -2.07 -11.53 -18.09
C ILE B 235 -0.78 -10.95 -18.63
N LEU B 236 -0.28 -11.51 -19.73
CA LEU B 236 0.94 -11.01 -20.35
C LEU B 236 0.72 -9.65 -20.98
N ASP B 237 -0.45 -9.45 -21.58
CA ASP B 237 -0.85 -8.15 -22.09
C ASP B 237 -0.90 -7.14 -20.95
N LEU B 238 -1.47 -7.56 -19.81
CA LEU B 238 -1.59 -6.69 -18.66
C LEU B 238 -0.22 -6.17 -18.19
N LEU B 239 0.71 -7.09 -17.96
CA LEU B 239 2.05 -6.70 -17.54
C LEU B 239 2.77 -5.87 -18.60
N LYS B 240 2.67 -6.28 -19.86
CA LYS B 240 3.23 -5.49 -20.95
C LYS B 240 2.74 -4.05 -20.87
N SER B 241 1.43 -3.87 -20.86
CA SER B 241 0.84 -2.53 -20.81
C SER B 241 1.29 -1.75 -19.58
N LEU B 242 1.26 -2.39 -18.41
CA LEU B 242 1.61 -1.73 -17.15
C LEU B 242 3.09 -1.34 -17.07
N TRP B 243 3.94 -2.10 -17.77
CA TRP B 243 5.36 -1.76 -17.88
C TRP B 243 5.54 -0.48 -18.72
N LYS B 244 4.92 -0.45 -19.90
CA LYS B 244 5.09 0.68 -20.84
C LYS B 244 4.54 2.00 -20.29
N SER B 245 3.47 1.92 -19.51
CA SER B 245 2.87 3.12 -18.92
C SER B 245 3.54 3.51 -17.61
N SER B 246 4.68 2.88 -17.32
CA SER B 246 5.47 3.16 -16.11
C SER B 246 4.68 3.04 -14.81
N THR B 247 3.76 2.08 -14.76
CA THR B 247 2.94 1.86 -13.58
C THR B 247 3.61 0.84 -12.63
N ILE B 248 4.30 -0.14 -13.20
CA ILE B 248 5.09 -1.08 -12.42
C ILE B 248 6.57 -0.84 -12.71
N THR B 249 7.31 -0.46 -11.67
CA THR B 249 8.73 -0.12 -11.82
C THR B 249 9.60 -1.37 -11.76
N VAL B 250 10.81 -1.27 -12.32
CA VAL B 250 11.72 -2.41 -12.34
C VAL B 250 11.72 -3.15 -11.01
N ASP B 251 12.12 -2.46 -9.95
CA ASP B 251 12.14 -3.05 -8.62
C ASP B 251 10.89 -3.91 -8.38
N GLN B 252 9.72 -3.28 -8.47
CA GLN B 252 8.45 -3.99 -8.23
C GLN B 252 8.33 -5.19 -9.16
N MET B 253 8.62 -4.97 -10.43
CA MET B 253 8.52 -6.03 -11.42
C MET B 253 9.47 -7.19 -11.08
N LYS B 254 10.75 -6.89 -10.99
CA LYS B 254 11.75 -7.89 -10.64
C LYS B 254 11.42 -8.57 -9.33
N ARG B 255 11.13 -7.77 -8.33
CA ARG B 255 10.73 -8.27 -7.02
C ARG B 255 9.66 -9.34 -7.13
N GLY B 256 8.68 -9.12 -8.00
CA GLY B 256 7.56 -10.04 -8.13
C GLY B 256 7.97 -11.38 -8.70
N TYR B 257 8.79 -11.35 -9.75
CA TYR B 257 9.28 -12.56 -10.40
C TYR B 257 10.17 -13.37 -9.47
N GLU B 258 10.99 -12.69 -8.69
CA GLU B 258 11.90 -13.38 -7.78
C GLU B 258 11.13 -14.22 -6.76
N ARG B 259 10.03 -13.69 -6.25
CA ARG B 259 9.16 -14.45 -5.37
C ARG B 259 8.75 -15.78 -6.01
N ILE B 260 8.08 -15.71 -7.16
CA ILE B 260 7.69 -16.92 -7.88
C ILE B 260 8.87 -17.90 -7.96
N TYR B 261 10.02 -17.42 -8.44
CA TYR B 261 11.22 -18.26 -8.56
C TYR B 261 11.55 -18.95 -7.24
N ASN B 262 11.30 -18.22 -6.15
CA ASN B 262 11.64 -18.71 -4.83
C ASN B 262 10.66 -19.76 -4.34
N GLU B 263 9.41 -19.62 -4.77
CA GLU B 263 8.33 -20.48 -4.27
C GLU B 263 7.94 -21.58 -5.25
N ILE B 264 8.51 -21.53 -6.45
CA ILE B 264 8.13 -22.50 -7.49
C ILE B 264 8.28 -23.98 -7.07
N PRO B 265 9.31 -24.34 -6.30
CA PRO B 265 9.37 -25.75 -5.91
C PRO B 265 8.20 -26.16 -5.01
N ASP B 266 7.64 -25.23 -4.25
CA ASP B 266 6.46 -25.50 -3.43
C ASP B 266 5.21 -25.50 -4.30
N ILE B 267 5.01 -24.42 -5.03
CA ILE B 267 3.91 -24.29 -5.99
C ILE B 267 3.81 -25.54 -6.87
N ASN B 268 4.96 -26.10 -7.23
CA ASN B 268 5.01 -27.26 -8.13
C ASN B 268 4.38 -28.52 -7.56
N LEU B 269 4.20 -28.59 -6.24
CA LEU B 269 3.64 -29.78 -5.60
C LEU B 269 2.15 -29.90 -5.86
N ASP B 270 1.44 -28.78 -5.75
CA ASP B 270 0.00 -28.75 -5.99
C ASP B 270 -0.28 -28.39 -7.44
N VAL B 271 0.73 -27.85 -8.11
CA VAL B 271 0.59 -27.42 -9.49
C VAL B 271 1.73 -27.99 -10.31
N PRO B 272 1.60 -29.25 -10.78
CA PRO B 272 2.55 -29.68 -11.78
C PRO B 272 2.30 -28.77 -12.97
N HIS B 273 3.00 -28.95 -14.07
CA HIS B 273 2.88 -28.01 -15.20
C HIS B 273 3.57 -26.67 -14.86
N SER B 274 3.67 -26.39 -13.57
CA SER B 274 4.29 -25.15 -13.07
C SER B 274 5.52 -24.71 -13.84
N TYR B 275 6.53 -25.57 -13.84
CA TYR B 275 7.83 -25.25 -14.42
C TYR B 275 7.79 -24.94 -15.91
N SER B 276 7.06 -25.75 -16.67
CA SER B 276 7.00 -25.57 -18.12
C SER B 276 6.26 -24.29 -18.47
N VAL B 277 5.18 -24.00 -17.76
CA VAL B 277 4.42 -22.78 -17.98
C VAL B 277 5.22 -21.55 -17.56
N LEU B 278 5.93 -21.65 -16.43
CA LEU B 278 6.73 -20.53 -15.94
C LEU B 278 7.77 -20.11 -16.98
N GLU B 279 8.56 -21.05 -17.47
CA GLU B 279 9.61 -20.68 -18.41
C GLU B 279 9.08 -20.22 -19.78
N ARG B 280 7.92 -20.73 -20.16
CA ARG B 280 7.26 -20.23 -21.37
C ARG B 280 6.83 -18.80 -21.16
N PHE B 281 6.23 -18.51 -20.00
CA PHE B 281 5.78 -17.17 -19.67
C PHE B 281 6.95 -16.18 -19.52
N VAL B 282 7.98 -16.60 -18.79
CA VAL B 282 9.17 -15.77 -18.61
C VAL B 282 9.81 -15.43 -19.95
N GLU B 283 9.86 -16.40 -20.85
CA GLU B 283 10.48 -16.21 -22.17
C GLU B 283 9.68 -15.24 -23.04
N GLU B 284 8.35 -15.27 -22.91
CA GLU B 284 7.49 -14.35 -23.63
C GLU B 284 7.66 -12.92 -23.11
N CYS B 285 7.75 -12.79 -21.78
CA CYS B 285 7.96 -11.49 -21.16
C CYS B 285 9.30 -10.88 -21.60
N PHE B 286 10.34 -11.71 -21.63
CA PHE B 286 11.66 -11.26 -22.05
C PHE B 286 11.65 -10.86 -23.52
N GLN B 287 10.98 -11.67 -24.34
CA GLN B 287 10.90 -11.42 -25.77
C GLN B 287 10.07 -10.16 -26.04
N ALA B 288 9.26 -9.76 -25.06
CA ALA B 288 8.48 -8.53 -25.17
C ALA B 288 9.24 -7.35 -24.56
N GLY B 289 10.40 -7.62 -23.98
CA GLY B 289 11.28 -6.58 -23.44
C GLY B 289 10.81 -5.96 -22.15
N ILE B 290 10.01 -6.69 -21.36
CA ILE B 290 9.50 -6.15 -20.10
C ILE B 290 10.26 -6.65 -18.87
N ILE B 291 11.17 -7.61 -19.07
CA ILE B 291 12.07 -8.07 -18.01
C ILE B 291 13.51 -8.14 -18.53
N SER B 292 14.47 -7.97 -17.64
CA SER B 292 15.88 -7.97 -18.01
C SER B 292 16.35 -9.36 -18.42
N LYS B 293 17.53 -9.42 -19.01
CA LYS B 293 18.17 -10.69 -19.34
C LYS B 293 18.43 -11.51 -18.07
N GLN B 294 18.73 -10.81 -16.99
CA GLN B 294 19.03 -11.45 -15.71
C GLN B 294 17.85 -12.24 -15.15
N LEU B 295 16.64 -11.67 -15.22
CA LEU B 295 15.46 -12.35 -14.72
C LEU B 295 15.10 -13.56 -15.57
N ARG B 296 15.31 -13.43 -16.89
CA ARG B 296 15.08 -14.51 -17.83
C ARG B 296 15.97 -15.70 -17.46
N ASP B 297 17.25 -15.43 -17.27
CA ASP B 297 18.23 -16.48 -16.99
C ASP B 297 18.09 -17.06 -15.57
N LEU B 298 17.50 -16.29 -14.67
CA LEU B 298 17.38 -16.69 -13.27
C LEU B 298 16.16 -17.59 -13.04
N CYS B 299 15.36 -17.78 -14.08
CA CYS B 299 14.18 -18.64 -14.01
C CYS B 299 14.61 -20.09 -13.85
N PRO B 300 14.18 -20.75 -12.76
CA PRO B 300 14.60 -22.13 -12.52
C PRO B 300 14.00 -23.09 -13.54
N SER B 301 14.75 -24.13 -13.91
CA SER B 301 14.29 -25.07 -14.93
C SER B 301 13.92 -26.44 -14.36
N ARG B 302 14.44 -26.74 -13.17
CA ARG B 302 14.18 -28.01 -12.45
C ARG B 302 15.09 -29.17 -12.88
#